data_7L76
#
_entry.id   7L76
#
_cell.length_a   117.513
_cell.length_b   64.031
_cell.length_c   74.704
_cell.angle_alpha   90.000
_cell.angle_beta   125.820
_cell.angle_gamma   90.000
#
_symmetry.space_group_name_H-M   'C 1 2 1'
#
loop_
_entity.id
_entity.type
_entity.pdbx_description
1 polymer 'Thiol:disulfide interchange protein DsbA'
2 non-polymer '(6-phenyl-1-benzofuran-3-yl)acetic acid'
3 non-polymer 'COPPER (II) ION'
4 water water
#
_entity_poly.entity_id   1
_entity_poly.type   'polypeptide(L)'
_entity_poly.pdbx_seq_one_letter_code
;AQYEDGKQYTTLEKPVAGAPQVLEFFSFFCPHCYQFEEVLHISDNVKKKLPEGVKMTKYHVNFMGGDLGKDLTQAWAVAM
ALGVEDKVTVPLFEGVQKTQTIRSASDIRDVFINAGIKGEEYDAAWNSFVVKSLVAQQEKAAADVQLRGVPAMFVNGKYQ
LNPQGMDTSNMDVFVQQYADTVKYLSEKK
;
_entity_poly.pdbx_strand_id   A,B
#
loop_
_chem_comp.id
_chem_comp.type
_chem_comp.name
_chem_comp.formula
CU non-polymer 'COPPER (II) ION' 'Cu 2'
XPV non-polymer '(6-phenyl-1-benzofuran-3-yl)acetic acid' 'C16 H12 O3'
#
# COMPACT_ATOMS: atom_id res chain seq x y z
N ALA A 1 -11.52 -12.27 29.65
CA ALA A 1 -10.43 -13.16 29.25
C ALA A 1 -9.38 -12.41 28.37
N GLN A 2 -8.22 -13.00 28.17
CA GLN A 2 -7.20 -12.31 27.38
C GLN A 2 -7.57 -12.30 25.90
N TYR A 3 -8.09 -13.42 25.39
CA TYR A 3 -8.62 -13.48 24.02
C TYR A 3 -10.13 -13.52 24.14
N GLU A 4 -10.83 -12.66 23.42
CA GLU A 4 -12.29 -12.59 23.59
C GLU A 4 -12.95 -12.54 22.23
N ASP A 5 -13.97 -13.38 22.05
CA ASP A 5 -14.85 -13.31 20.90
C ASP A 5 -15.35 -11.88 20.73
N GLY A 6 -15.18 -11.32 19.54
CA GLY A 6 -15.47 -9.92 19.29
C GLY A 6 -14.31 -8.96 19.51
N LYS A 7 -13.21 -9.40 20.09
CA LYS A 7 -12.03 -8.56 20.21
C LYS A 7 -10.98 -8.96 19.19
N GLN A 8 -10.10 -9.92 19.51
CA GLN A 8 -9.07 -10.30 18.56
C GLN A 8 -9.58 -11.13 17.41
N TYR A 9 -10.82 -11.61 17.50
CA TYR A 9 -11.41 -12.45 16.47
C TYR A 9 -12.92 -12.36 16.63
N THR A 10 -13.63 -12.80 15.60
CA THR A 10 -15.06 -12.93 15.66
C THR A 10 -15.38 -14.36 15.29
N THR A 11 -16.58 -14.79 15.60
CA THR A 11 -16.95 -16.20 15.44
C THR A 11 -17.99 -16.26 14.35
N LEU A 12 -17.74 -17.07 13.31
CA LEU A 12 -18.69 -17.18 12.22
C LEU A 12 -20.02 -17.72 12.73
N GLU A 13 -21.11 -17.14 12.22
CA GLU A 13 -22.44 -17.59 12.59
C GLU A 13 -22.84 -18.84 11.85
N LYS A 14 -22.35 -19.04 10.62
CA LYS A 14 -22.59 -20.28 9.90
C LYS A 14 -21.20 -20.86 9.65
N PRO A 15 -20.71 -21.74 10.50
CA PRO A 15 -19.35 -22.26 10.31
C PRO A 15 -19.29 -23.20 9.14
N VAL A 16 -18.11 -23.29 8.56
CA VAL A 16 -17.90 -23.91 7.26
C VAL A 16 -17.29 -25.28 7.50
N ALA A 17 -18.05 -26.32 7.20
CA ALA A 17 -17.57 -27.68 7.37
C ALA A 17 -16.40 -27.93 6.41
N GLY A 18 -15.36 -28.59 6.92
CA GLY A 18 -14.30 -29.11 6.07
C GLY A 18 -13.34 -28.08 5.53
N ALA A 19 -13.26 -26.90 6.14
CA ALA A 19 -12.47 -25.81 5.60
C ALA A 19 -10.99 -26.01 5.89
N PRO A 20 -10.11 -25.34 5.14
CA PRO A 20 -8.68 -25.40 5.48
C PRO A 20 -8.49 -24.93 6.91
N GLN A 21 -7.48 -25.47 7.57
CA GLN A 21 -7.26 -25.08 8.96
C GLN A 21 -7.01 -23.59 9.07
N VAL A 22 -6.10 -23.09 8.24
CA VAL A 22 -5.72 -21.66 8.30
C VAL A 22 -5.83 -21.14 6.88
N LEU A 23 -6.77 -20.25 6.66
CA LEU A 23 -7.14 -19.84 5.32
C LEU A 23 -7.04 -18.33 5.23
N GLU A 24 -6.21 -17.84 4.34
CA GLU A 24 -6.01 -16.39 4.15
CA GLU A 24 -6.02 -16.41 4.17
C GLU A 24 -6.55 -15.99 2.78
N PHE A 25 -7.18 -14.83 2.74
CA PHE A 25 -7.65 -14.27 1.46
C PHE A 25 -6.95 -12.92 1.23
N PHE A 26 -6.59 -12.66 -0.02
CA PHE A 26 -5.96 -11.38 -0.34
C PHE A 26 -6.32 -11.03 -1.78
N SER A 27 -5.92 -9.82 -2.17
CA SER A 27 -5.98 -9.35 -3.53
C SER A 27 -4.66 -8.66 -3.84
N PHE A 28 -4.15 -8.83 -5.04
CA PHE A 28 -2.99 -8.00 -5.44
C PHE A 28 -3.35 -6.53 -5.60
N PHE A 29 -4.64 -6.18 -5.62
CA PHE A 29 -5.09 -4.78 -5.63
C PHE A 29 -5.26 -4.16 -4.25
N CYS A 30 -5.15 -4.97 -3.23
CA CYS A 30 -5.53 -4.54 -1.89
C CYS A 30 -4.35 -3.91 -1.15
N PRO A 31 -4.45 -2.63 -0.79
CA PRO A 31 -3.31 -1.94 -0.18
C PRO A 31 -2.91 -2.50 1.15
N HIS A 32 -3.88 -2.88 2.02
CA HIS A 32 -3.43 -3.50 3.25
C HIS A 32 -2.80 -4.85 2.99
N CYS A 33 -3.19 -5.57 1.91
CA CYS A 33 -2.56 -6.86 1.59
C CYS A 33 -1.12 -6.71 1.20
N TYR A 34 -0.82 -5.65 0.46
CA TYR A 34 0.57 -5.32 0.17
C TYR A 34 1.36 -5.15 1.46
N GLN A 35 0.80 -4.37 2.39
CA GLN A 35 1.47 -4.22 3.69
C GLN A 35 1.62 -5.58 4.38
N PHE A 36 0.57 -6.41 4.36
CA PHE A 36 0.63 -7.70 5.06
C PHE A 36 1.75 -8.57 4.51
N GLU A 37 1.92 -8.59 3.19
CA GLU A 37 2.97 -9.37 2.54
C GLU A 37 4.33 -8.73 2.58
N GLU A 38 4.46 -7.49 2.07
CA GLU A 38 5.80 -7.04 1.91
C GLU A 38 6.43 -6.42 3.15
N VAL A 39 5.63 -5.87 4.07
CA VAL A 39 6.15 -5.08 5.18
C VAL A 39 6.04 -5.83 6.51
N LEU A 40 4.92 -6.50 6.72
CA LEU A 40 4.64 -7.25 7.94
C LEU A 40 4.94 -8.72 7.83
N HIS A 41 4.79 -9.33 6.65
CA HIS A 41 5.13 -10.73 6.45
C HIS A 41 4.25 -11.60 7.31
N ILE A 42 2.96 -11.28 7.30
CA ILE A 42 2.01 -11.93 8.21
C ILE A 42 2.03 -13.45 8.00
N SER A 43 1.92 -13.92 6.73
CA SER A 43 1.77 -15.36 6.54
C SER A 43 2.96 -16.11 7.05
N ASP A 44 4.16 -15.54 6.85
CA ASP A 44 5.36 -16.20 7.33
C ASP A 44 5.42 -16.22 8.86
N ASN A 45 5.02 -15.13 9.50
CA ASN A 45 5.07 -15.13 10.95
C ASN A 45 4.00 -16.02 11.57
N VAL A 46 2.86 -16.14 10.91
CA VAL A 46 1.85 -17.08 11.37
C VAL A 46 2.39 -18.52 11.27
N LYS A 47 3.01 -18.86 10.13
CA LYS A 47 3.51 -20.22 9.93
C LYS A 47 4.54 -20.60 10.96
N LYS A 48 5.44 -19.67 11.30
CA LYS A 48 6.46 -19.97 12.28
C LYS A 48 5.89 -20.21 13.65
N LYS A 49 4.64 -19.84 13.90
CA LYS A 49 4.10 -20.08 15.22
C LYS A 49 3.13 -21.26 15.28
N LEU A 50 2.79 -21.87 14.17
CA LEU A 50 1.97 -23.08 14.15
C LEU A 50 2.85 -24.33 14.18
N PRO A 51 2.33 -25.52 14.59
CA PRO A 51 3.14 -26.75 14.51
C PRO A 51 3.75 -27.00 13.12
N GLU A 52 4.82 -27.80 13.05
CA GLU A 52 5.40 -28.18 11.75
C GLU A 52 4.36 -28.87 10.86
N GLY A 53 4.43 -28.59 9.57
CA GLY A 53 3.63 -29.29 8.58
C GLY A 53 2.19 -28.83 8.40
N VAL A 54 1.67 -27.98 9.29
CA VAL A 54 0.24 -27.54 9.21
C VAL A 54 -0.08 -26.93 7.84
N LYS A 55 -1.36 -26.98 7.51
CA LYS A 55 -1.83 -26.52 6.21
C LYS A 55 -2.21 -25.06 6.38
N MET A 56 -1.44 -24.16 5.77
CA MET A 56 -1.87 -22.78 5.61
C MET A 56 -2.24 -22.66 4.15
N THR A 57 -3.39 -22.05 3.89
CA THR A 57 -3.88 -21.96 2.52
C THR A 57 -4.06 -20.48 2.25
N LYS A 58 -3.74 -20.05 1.04
CA LYS A 58 -3.87 -18.63 0.73
C LYS A 58 -4.50 -18.48 -0.65
N TYR A 59 -5.61 -17.72 -0.70
CA TYR A 59 -6.39 -17.66 -1.93
C TYR A 59 -6.55 -16.19 -2.34
N HIS A 60 -6.64 -15.99 -3.63
CA HIS A 60 -6.87 -14.63 -4.17
C HIS A 60 -8.38 -14.45 -4.33
N VAL A 61 -8.84 -13.20 -4.50
CA VAL A 61 -10.27 -12.86 -4.57
C VAL A 61 -10.55 -12.03 -5.81
N ASN A 62 -11.83 -12.10 -6.25
CA ASN A 62 -12.19 -11.44 -7.51
C ASN A 62 -12.70 -10.01 -7.30
N PHE A 63 -13.15 -9.65 -6.07
CA PHE A 63 -14.02 -8.51 -5.97
C PHE A 63 -13.27 -7.16 -6.01
N MET A 64 -11.94 -7.15 -6.11
CA MET A 64 -11.24 -5.89 -6.40
C MET A 64 -10.60 -5.92 -7.77
N GLY A 65 -10.68 -4.81 -8.49
CA GLY A 65 -9.93 -4.72 -9.72
C GLY A 65 -10.64 -5.22 -10.94
N GLY A 66 -11.96 -5.48 -10.87
CA GLY A 66 -12.70 -5.79 -12.09
C GLY A 66 -12.07 -6.90 -12.92
N ASP A 67 -11.87 -6.64 -14.23
CA ASP A 67 -11.41 -7.71 -15.10
C ASP A 67 -10.04 -8.23 -14.71
N LEU A 68 -9.12 -7.30 -14.41
CA LEU A 68 -7.78 -7.71 -14.07
C LEU A 68 -7.78 -8.43 -12.72
N GLY A 69 -8.72 -8.08 -11.83
CA GLY A 69 -8.80 -8.80 -10.56
C GLY A 69 -9.11 -10.26 -10.78
N LYS A 70 -9.98 -10.58 -11.75
CA LYS A 70 -10.30 -11.97 -12.08
C LYS A 70 -9.14 -12.67 -12.78
N ASP A 71 -8.43 -11.96 -13.69
CA ASP A 71 -7.19 -12.51 -14.27
C ASP A 71 -6.19 -12.87 -13.18
N LEU A 72 -6.08 -12.03 -12.13
CA LEU A 72 -5.10 -12.35 -11.11
C LEU A 72 -5.55 -13.55 -10.28
N THR A 73 -6.82 -13.76 -10.10
CA THR A 73 -7.22 -15.01 -9.41
C THR A 73 -6.85 -16.22 -10.26
N GLN A 74 -7.05 -16.15 -11.60
CA GLN A 74 -6.58 -17.25 -12.43
C GLN A 74 -5.04 -17.36 -12.38
N ALA A 75 -4.31 -16.23 -12.38
CA ALA A 75 -2.86 -16.33 -12.34
C ALA A 75 -2.41 -16.96 -11.01
N TRP A 76 -3.10 -16.60 -9.93
CA TRP A 76 -2.76 -17.18 -8.64
C TRP A 76 -3.02 -18.70 -8.65
N ALA A 77 -4.11 -19.12 -9.31
CA ALA A 77 -4.32 -20.57 -9.52
C ALA A 77 -3.16 -21.18 -10.30
N VAL A 78 -2.63 -20.49 -11.37
CA VAL A 78 -1.43 -20.96 -12.04
C VAL A 78 -0.29 -21.08 -11.06
N ALA A 79 -0.06 -20.01 -10.25
CA ALA A 79 1.05 -20.02 -9.31
C ALA A 79 0.95 -21.22 -8.37
N MET A 80 -0.23 -21.46 -7.82
CA MET A 80 -0.46 -22.62 -6.89
C MET A 80 -0.21 -23.94 -7.62
N ALA A 81 -0.69 -24.03 -8.85
CA ALA A 81 -0.59 -25.29 -9.59
C ALA A 81 0.87 -25.62 -9.88
N LEU A 82 1.65 -24.62 -10.28
CA LEU A 82 3.06 -24.81 -10.58
C LEU A 82 3.94 -24.75 -9.37
N GLY A 83 3.43 -24.30 -8.22
CA GLY A 83 4.21 -24.19 -7.01
C GLY A 83 5.19 -23.05 -7.00
N VAL A 84 4.86 -21.91 -7.65
CA VAL A 84 5.80 -20.81 -7.77
C VAL A 84 5.30 -19.55 -7.02
N GLU A 85 4.42 -19.73 -6.02
CA GLU A 85 3.89 -18.61 -5.26
C GLU A 85 5.01 -17.70 -4.77
N ASP A 86 6.05 -18.31 -4.19
CA ASP A 86 7.14 -17.52 -3.63
C ASP A 86 7.92 -16.80 -4.69
N LYS A 87 7.79 -17.18 -5.94
CA LYS A 87 8.55 -16.49 -6.99
C LYS A 87 7.80 -15.31 -7.57
N VAL A 88 6.48 -15.28 -7.46
CA VAL A 88 5.68 -14.30 -8.18
C VAL A 88 4.90 -13.36 -7.26
N THR A 89 4.80 -13.64 -5.93
CA THR A 89 4.03 -12.77 -5.03
C THR A 89 4.57 -11.34 -5.03
N VAL A 90 5.86 -11.20 -4.81
CA VAL A 90 6.43 -9.84 -4.75
C VAL A 90 6.30 -9.11 -6.08
N PRO A 91 6.74 -9.66 -7.22
CA PRO A 91 6.60 -8.88 -8.48
C PRO A 91 5.16 -8.62 -8.86
N LEU A 92 4.20 -9.50 -8.49
CA LEU A 92 2.81 -9.17 -8.77
C LEU A 92 2.33 -8.01 -7.93
N PHE A 93 2.59 -8.03 -6.61
CA PHE A 93 2.18 -6.91 -5.78
C PHE A 93 2.82 -5.61 -6.27
N GLU A 94 4.13 -5.69 -6.55
CA GLU A 94 4.83 -4.45 -6.97
C GLU A 94 4.37 -4.02 -8.35
N GLY A 95 4.09 -4.97 -9.24
CA GLY A 95 3.62 -4.64 -10.57
C GLY A 95 2.25 -3.99 -10.56
N VAL A 96 1.35 -4.45 -9.67
CA VAL A 96 0.04 -3.79 -9.56
C VAL A 96 0.12 -2.47 -8.79
N GLN A 97 0.81 -2.43 -7.63
CA GLN A 97 0.66 -1.29 -6.75
C GLN A 97 1.83 -0.32 -6.74
N LYS A 98 3.06 -0.76 -7.08
CA LYS A 98 4.22 0.12 -6.92
C LYS A 98 4.59 0.72 -8.25
N THR A 99 4.90 -0.12 -9.23
CA THR A 99 5.28 0.40 -10.56
C THR A 99 4.06 0.63 -11.47
N GLN A 100 2.97 -0.06 -11.17
CA GLN A 100 1.74 0.02 -11.92
C GLN A 100 1.99 -0.30 -13.38
N THR A 101 2.73 -1.38 -13.56
CA THR A 101 3.06 -1.91 -14.87
C THR A 101 2.24 -3.13 -15.23
N ILE A 102 1.34 -3.58 -14.36
CA ILE A 102 0.47 -4.71 -14.69
C ILE A 102 -0.87 -4.13 -15.09
N ARG A 103 -1.20 -4.17 -16.34
CA ARG A 103 -2.43 -3.57 -16.83
C ARG A 103 -3.24 -4.56 -17.64
N SER A 104 -2.72 -5.76 -17.90
CA SER A 104 -3.40 -6.70 -18.79
C SER A 104 -2.97 -8.09 -18.36
N ALA A 105 -3.70 -9.10 -18.85
CA ALA A 105 -3.28 -10.48 -18.63
C ALA A 105 -1.88 -10.75 -19.18
N SER A 106 -1.52 -10.13 -20.30
CA SER A 106 -0.17 -10.31 -20.85
C SER A 106 0.91 -9.78 -19.90
N ASP A 107 0.65 -8.62 -19.24
CA ASP A 107 1.59 -8.12 -18.26
C ASP A 107 1.74 -9.07 -17.08
N ILE A 108 0.64 -9.70 -16.65
CA ILE A 108 0.77 -10.69 -15.61
C ILE A 108 1.67 -11.84 -16.07
N ARG A 109 1.42 -12.34 -17.30
CA ARG A 109 2.25 -13.41 -17.82
C ARG A 109 3.73 -13.01 -17.82
N ASP A 110 4.05 -11.77 -18.21
CA ASP A 110 5.45 -11.34 -18.24
C ASP A 110 6.12 -11.53 -16.86
N VAL A 111 5.37 -11.27 -15.78
CA VAL A 111 5.92 -11.49 -14.42
C VAL A 111 6.37 -12.91 -14.26
N PHE A 112 5.54 -13.87 -14.73
CA PHE A 112 5.93 -15.28 -14.61
C PHE A 112 7.13 -15.61 -15.47
N ILE A 113 7.15 -15.12 -16.75
CA ILE A 113 8.28 -15.33 -17.65
C ILE A 113 9.55 -14.81 -17.01
N ASN A 114 9.49 -13.57 -16.51
CA ASN A 114 10.67 -12.96 -15.90
C ASN A 114 11.16 -13.74 -14.67
N ALA A 115 10.22 -14.36 -13.95
CA ALA A 115 10.53 -15.18 -12.80
C ALA A 115 10.98 -16.58 -13.22
N GLY A 116 11.09 -16.84 -14.55
CA GLY A 116 11.69 -18.10 -15.02
C GLY A 116 10.72 -19.23 -15.31
N ILE A 117 9.41 -18.96 -15.31
CA ILE A 117 8.44 -19.97 -15.72
C ILE A 117 8.40 -19.93 -17.25
N LYS A 118 8.58 -21.08 -17.90
N LYS A 118 8.56 -21.08 -17.89
CA LYS A 118 8.60 -21.09 -19.35
CA LYS A 118 8.59 -21.11 -19.34
C LYS A 118 7.24 -20.68 -19.92
C LYS A 118 7.24 -20.68 -19.92
N GLY A 119 7.31 -20.01 -21.08
CA GLY A 119 6.09 -19.52 -21.71
C GLY A 119 5.10 -20.63 -21.98
N GLU A 120 5.57 -21.73 -22.57
CA GLU A 120 4.68 -22.84 -22.88
C GLU A 120 4.09 -23.44 -21.61
N GLU A 121 4.82 -23.38 -20.52
CA GLU A 121 4.39 -24.01 -19.27
C GLU A 121 3.32 -23.14 -18.61
N TYR A 122 3.54 -21.83 -18.69
CA TYR A 122 2.54 -20.88 -18.18
C TYR A 122 1.25 -20.99 -18.96
N ASP A 123 1.34 -20.97 -20.30
CA ASP A 123 0.14 -20.97 -21.11
C ASP A 123 -0.62 -22.28 -20.96
N ALA A 124 0.10 -23.39 -20.91
CA ALA A 124 -0.59 -24.68 -20.72
C ALA A 124 -1.33 -24.68 -19.37
N ALA A 125 -0.69 -24.19 -18.31
CA ALA A 125 -1.37 -24.13 -17.01
C ALA A 125 -2.55 -23.16 -17.07
N TRP A 126 -2.33 -21.97 -17.59
CA TRP A 126 -3.39 -20.95 -17.69
C TRP A 126 -4.68 -21.52 -18.24
N ASN A 127 -4.58 -22.34 -19.30
CA ASN A 127 -5.70 -22.92 -20.04
C ASN A 127 -6.15 -24.26 -19.51
N SER A 128 -5.57 -24.72 -18.41
CA SER A 128 -5.83 -26.09 -18.03
C SER A 128 -7.09 -26.16 -17.20
N PHE A 129 -7.69 -27.37 -17.20
CA PHE A 129 -8.84 -27.59 -16.35
C PHE A 129 -8.45 -27.75 -14.89
N VAL A 130 -7.23 -28.19 -14.59
CA VAL A 130 -6.76 -28.15 -13.21
C VAL A 130 -6.77 -26.74 -12.66
N VAL A 131 -6.31 -25.77 -13.47
CA VAL A 131 -6.39 -24.39 -13.02
C VAL A 131 -7.83 -23.88 -12.93
N LYS A 132 -8.71 -24.24 -13.89
CA LYS A 132 -10.14 -23.93 -13.68
C LYS A 132 -10.68 -24.45 -12.33
N SER A 133 -10.33 -25.70 -11.97
CA SER A 133 -10.77 -26.24 -10.69
C SER A 133 -10.20 -25.43 -9.52
N LEU A 134 -8.94 -24.96 -9.63
CA LEU A 134 -8.34 -24.17 -8.56
C LEU A 134 -8.98 -22.79 -8.44
N VAL A 135 -9.35 -22.17 -9.57
CA VAL A 135 -10.13 -20.93 -9.54
C VAL A 135 -11.47 -21.16 -8.81
N ALA A 136 -12.19 -22.21 -9.22
CA ALA A 136 -13.45 -22.60 -8.59
C ALA A 136 -13.28 -22.73 -7.08
N GLN A 137 -12.19 -23.38 -6.64
CA GLN A 137 -11.96 -23.61 -5.20
C GLN A 137 -11.75 -22.29 -4.48
N GLN A 138 -10.98 -21.38 -5.09
CA GLN A 138 -10.77 -20.07 -4.48
C GLN A 138 -12.10 -19.36 -4.34
N GLU A 139 -12.89 -19.37 -5.39
CA GLU A 139 -14.20 -18.69 -5.37
C GLU A 139 -15.12 -19.30 -4.32
N LYS A 140 -15.09 -20.62 -4.22
CA LYS A 140 -16.01 -21.30 -3.30
C LYS A 140 -15.65 -20.99 -1.86
N ALA A 141 -14.36 -20.98 -1.56
CA ALA A 141 -13.94 -20.71 -0.19
C ALA A 141 -14.32 -19.28 0.24
N ALA A 142 -14.14 -18.31 -0.65
CA ALA A 142 -14.60 -16.96 -0.36
C ALA A 142 -16.13 -16.91 -0.21
N ALA A 143 -16.87 -17.60 -1.08
CA ALA A 143 -18.33 -17.60 -0.98
C ALA A 143 -18.78 -18.21 0.34
N ASP A 144 -18.12 -19.30 0.75
CA ASP A 144 -18.51 -19.99 1.97
C ASP A 144 -18.59 -19.04 3.16
N VAL A 145 -17.78 -17.98 3.19
CA VAL A 145 -17.77 -17.07 4.34
C VAL A 145 -18.34 -15.70 3.97
N GLN A 146 -19.05 -15.59 2.86
CA GLN A 146 -19.66 -14.30 2.47
C GLN A 146 -18.60 -13.19 2.48
N LEU A 147 -17.47 -13.44 1.83
CA LEU A 147 -16.32 -12.57 2.01
C LEU A 147 -16.51 -11.30 1.22
N ARG A 148 -16.40 -10.13 1.92
CA ARG A 148 -16.42 -8.82 1.24
C ARG A 148 -15.26 -7.91 1.58
N GLY A 149 -14.30 -8.32 2.40
CA GLY A 149 -13.09 -7.53 2.53
C GLY A 149 -11.84 -8.38 2.64
N VAL A 150 -10.73 -7.79 2.21
CA VAL A 150 -9.42 -8.41 2.43
C VAL A 150 -8.50 -7.33 2.98
N PRO A 151 -7.40 -7.70 3.61
CA PRO A 151 -7.00 -9.08 3.90
C PRO A 151 -7.94 -9.74 4.94
N ALA A 152 -8.00 -11.06 4.96
CA ALA A 152 -8.86 -11.77 5.93
C ALA A 152 -8.20 -13.10 6.25
N MET A 153 -8.39 -13.59 7.47
CA MET A 153 -7.84 -14.87 7.81
C MET A 153 -8.87 -15.62 8.64
N PHE A 154 -9.06 -16.88 8.33
CA PHE A 154 -10.07 -17.70 8.99
C PHE A 154 -9.37 -18.90 9.58
N VAL A 155 -9.81 -19.36 10.76
CA VAL A 155 -9.19 -20.51 11.37
C VAL A 155 -10.26 -21.59 11.56
N ASN A 156 -10.05 -22.74 10.92
CA ASN A 156 -10.90 -23.91 11.00
C ASN A 156 -12.34 -23.66 10.54
N GLY A 157 -12.52 -22.75 9.60
CA GLY A 157 -13.88 -22.43 9.20
C GLY A 157 -14.71 -21.82 10.28
N LYS A 158 -14.13 -21.43 11.39
CA LYS A 158 -14.93 -21.06 12.54
C LYS A 158 -14.67 -19.66 13.04
N TYR A 159 -13.43 -19.17 12.95
CA TYR A 159 -13.03 -17.93 13.60
C TYR A 159 -12.37 -17.03 12.57
N GLN A 160 -12.72 -15.75 12.60
CA GLN A 160 -12.15 -14.77 11.66
C GLN A 160 -11.29 -13.82 12.45
N LEU A 161 -10.04 -13.61 12.00
CA LEU A 161 -9.12 -12.69 12.65
C LEU A 161 -9.69 -11.28 12.64
N ASN A 162 -9.50 -10.54 13.74
CA ASN A 162 -10.03 -9.18 13.85
C ASN A 162 -8.87 -8.25 14.19
N PRO A 163 -8.05 -7.91 13.20
CA PRO A 163 -6.89 -7.04 13.47
C PRO A 163 -7.26 -5.63 13.90
N GLN A 164 -8.47 -5.14 13.59
CA GLN A 164 -8.86 -3.80 14.04
C GLN A 164 -8.86 -3.71 15.56
N GLY A 165 -8.85 -4.83 16.27
CA GLY A 165 -8.60 -4.80 17.69
C GLY A 165 -7.14 -5.08 18.13
N MET A 166 -6.17 -4.26 17.71
CA MET A 166 -4.73 -4.49 17.90
C MET A 166 -3.93 -3.17 17.70
N ASP A 167 -3.03 -2.89 18.65
CA ASP A 167 -2.19 -1.68 18.57
C ASP A 167 -1.21 -1.85 17.40
N THR A 168 -1.14 -0.84 16.54
CA THR A 168 -0.26 -0.89 15.36
C THR A 168 0.81 0.20 15.42
N SER A 169 1.13 0.68 16.62
CA SER A 169 2.17 1.69 16.77
C SER A 169 3.56 1.09 16.59
N ASN A 170 3.66 -0.22 16.77
CA ASN A 170 4.89 -0.96 16.59
C ASN A 170 4.58 -2.12 15.64
N MET A 171 5.24 -2.14 14.47
CA MET A 171 4.84 -3.13 13.48
C MET A 171 5.06 -4.57 14.01
N ASP A 172 6.16 -4.77 14.73
CA ASP A 172 6.56 -6.11 15.10
C ASP A 172 5.63 -6.68 16.16
N VAL A 173 5.19 -5.84 17.12
CA VAL A 173 4.29 -6.28 18.17
C VAL A 173 2.96 -6.69 17.58
N PHE A 174 2.52 -5.96 16.57
CA PHE A 174 1.24 -6.24 15.94
C PHE A 174 1.28 -7.61 15.28
N VAL A 175 2.34 -7.85 14.53
CA VAL A 175 2.47 -9.12 13.82
C VAL A 175 2.49 -10.29 14.80
N GLN A 176 3.17 -10.14 15.93
N GLN A 176 3.22 -10.12 15.91
CA GLN A 176 3.22 -11.30 16.81
CA GLN A 176 3.30 -11.12 16.96
C GLN A 176 1.94 -11.45 17.62
C GLN A 176 1.92 -11.43 17.52
N GLN A 177 1.18 -10.36 17.82
CA GLN A 177 -0.15 -10.53 18.38
C GLN A 177 -1.06 -11.26 17.42
N TYR A 178 -0.96 -10.94 16.13
CA TYR A 178 -1.77 -11.60 15.12
C TYR A 178 -1.40 -13.07 15.05
N ALA A 179 -0.10 -13.38 15.03
CA ALA A 179 0.32 -14.76 14.92
C ALA A 179 -0.09 -15.56 16.14
N ASP A 180 0.06 -14.96 17.33
CA ASP A 180 -0.29 -15.66 18.57
C ASP A 180 -1.78 -15.92 18.63
N THR A 181 -2.58 -15.02 18.05
CA THR A 181 -4.02 -15.20 18.05
C THR A 181 -4.40 -16.35 17.14
N VAL A 182 -3.78 -16.41 15.94
CA VAL A 182 -3.97 -17.60 15.10
C VAL A 182 -3.60 -18.88 15.84
N LYS A 183 -2.46 -18.86 16.56
CA LYS A 183 -2.09 -20.07 17.29
C LYS A 183 -3.16 -20.41 18.32
N TYR A 184 -3.62 -19.41 19.07
CA TYR A 184 -4.61 -19.66 20.12
C TYR A 184 -5.89 -20.26 19.52
N LEU A 185 -6.35 -19.66 18.40
CA LEU A 185 -7.57 -20.13 17.75
C LEU A 185 -7.41 -21.53 17.23
N SER A 186 -6.26 -21.84 16.65
CA SER A 186 -6.07 -23.14 16.05
C SER A 186 -6.06 -24.25 17.10
N GLU A 187 -5.71 -23.90 18.33
CA GLU A 187 -5.73 -24.76 19.49
C GLU A 187 -7.10 -24.82 20.16
N LYS A 188 -8.06 -24.01 19.72
CA LYS A 188 -9.40 -24.02 20.33
C LYS A 188 -10.07 -25.33 20.01
N ALA B 1 -9.11 19.75 -27.80
CA ALA B 1 -8.11 20.39 -26.93
C ALA B 1 -7.18 19.39 -26.35
N GLN B 2 -5.91 19.76 -26.20
CA GLN B 2 -4.95 18.83 -25.62
C GLN B 2 -5.34 18.42 -24.21
N TYR B 3 -5.51 19.42 -23.31
CA TYR B 3 -5.87 19.15 -21.91
C TYR B 3 -7.40 19.05 -21.75
N GLU B 4 -7.87 17.92 -21.22
CA GLU B 4 -9.29 17.64 -21.20
C GLU B 4 -9.68 17.17 -19.81
N ASP B 5 -10.66 17.86 -19.22
CA ASP B 5 -11.12 17.47 -17.90
C ASP B 5 -11.47 15.99 -17.87
N GLY B 6 -11.05 15.29 -16.81
CA GLY B 6 -11.23 13.86 -16.70
C GLY B 6 -10.16 13.05 -17.40
N LYS B 7 -9.29 13.68 -18.20
CA LYS B 7 -8.18 12.97 -18.81
C LYS B 7 -6.95 13.21 -17.95
N GLN B 8 -6.20 14.34 -18.15
CA GLN B 8 -4.98 14.53 -17.36
C GLN B 8 -5.28 15.00 -15.92
N TYR B 9 -6.45 15.56 -15.67
CA TYR B 9 -6.78 16.14 -14.38
C TYR B 9 -8.29 16.05 -14.18
N THR B 10 -8.71 16.14 -12.92
CA THR B 10 -10.11 16.38 -12.58
C THR B 10 -10.24 17.71 -11.83
N THR B 11 -11.48 18.19 -11.73
CA THR B 11 -11.81 19.48 -11.08
C THR B 11 -12.57 19.26 -9.79
N LEU B 12 -12.09 19.87 -8.70
CA LEU B 12 -12.76 19.71 -7.41
C LEU B 12 -14.16 20.31 -7.42
N GLU B 13 -15.18 19.51 -7.01
CA GLU B 13 -16.56 19.99 -6.90
C GLU B 13 -16.73 21.09 -5.86
N LYS B 14 -15.93 21.04 -4.78
CA LYS B 14 -16.00 22.02 -3.70
C LYS B 14 -14.58 22.51 -3.48
N PRO B 15 -14.17 23.57 -4.17
CA PRO B 15 -12.77 24.01 -4.11
C PRO B 15 -12.43 24.65 -2.76
N VAL B 16 -11.13 24.69 -2.47
CA VAL B 16 -10.60 25.09 -1.17
C VAL B 16 -9.84 26.40 -1.31
N ALA B 17 -10.24 27.40 -0.52
CA ALA B 17 -9.56 28.68 -0.50
C ALA B 17 -8.38 28.62 0.47
N GLY B 18 -7.30 29.31 0.11
CA GLY B 18 -6.09 29.33 0.90
C GLY B 18 -5.11 28.21 0.59
N ALA B 19 -5.55 27.16 -0.07
CA ALA B 19 -4.67 26.02 -0.30
C ALA B 19 -3.45 26.43 -1.11
N PRO B 20 -2.31 25.78 -0.87
CA PRO B 20 -1.07 26.11 -1.61
C PRO B 20 -1.20 25.98 -3.11
N GLN B 21 -0.24 26.62 -3.80
CA GLN B 21 -0.27 26.62 -5.25
C GLN B 21 -0.15 25.21 -5.78
N VAL B 22 0.86 24.49 -5.32
CA VAL B 22 1.10 23.11 -5.72
C VAL B 22 1.27 22.30 -4.43
N LEU B 23 0.33 21.39 -4.16
CA LEU B 23 0.26 20.68 -2.89
C LEU B 23 0.32 19.18 -3.16
N GLU B 24 1.41 18.52 -2.74
CA GLU B 24 1.59 17.08 -2.95
C GLU B 24 1.34 16.36 -1.62
N PHE B 25 0.57 15.24 -1.63
CA PHE B 25 0.42 14.38 -0.46
C PHE B 25 1.10 13.02 -0.66
N PHE B 26 1.75 12.52 0.38
CA PHE B 26 2.39 11.20 0.30
C PHE B 26 2.36 10.49 1.65
N SER B 27 2.76 9.23 1.64
CA SER B 27 3.03 8.52 2.88
C SER B 27 4.32 7.72 2.72
N PHE B 28 5.13 7.64 3.77
CA PHE B 28 6.29 6.76 3.68
C PHE B 28 5.89 5.28 3.60
N PHE B 29 4.62 4.94 3.85
CA PHE B 29 4.18 3.56 3.68
C PHE B 29 3.68 3.27 2.24
N CYS B 30 3.62 4.28 1.40
CA CYS B 30 2.87 4.10 0.17
C CYS B 30 3.85 3.74 -0.95
N PRO B 31 3.74 2.53 -1.54
CA PRO B 31 4.75 2.08 -2.51
C PRO B 31 4.73 2.90 -3.80
N HIS B 32 3.57 3.33 -4.23
CA HIS B 32 3.56 4.19 -5.42
C HIS B 32 4.09 5.57 -5.13
N CYS B 33 4.03 6.04 -3.88
CA CYS B 33 4.71 7.27 -3.52
C CYS B 33 6.21 7.11 -3.58
N TYR B 34 6.71 6.00 -3.11
CA TYR B 34 8.14 5.73 -3.22
C TYR B 34 8.54 5.72 -4.69
N GLN B 35 7.73 5.07 -5.51
CA GLN B 35 8.00 5.05 -6.95
C GLN B 35 8.04 6.48 -7.53
N PHE B 36 7.01 7.29 -7.25
CA PHE B 36 6.98 8.67 -7.74
C PHE B 36 8.22 9.42 -7.30
N GLU B 37 8.60 9.32 -6.05
CA GLU B 37 9.65 10.21 -5.56
C GLU B 37 11.04 9.72 -5.98
N GLU B 38 11.29 8.42 -5.87
CA GLU B 38 12.67 7.97 -6.03
C GLU B 38 12.97 7.29 -7.36
N VAL B 39 11.97 6.82 -8.12
CA VAL B 39 12.21 6.24 -9.42
C VAL B 39 11.80 7.18 -10.52
N LEU B 40 10.54 7.67 -10.50
CA LEU B 40 10.12 8.57 -11.57
C LEU B 40 10.58 10.00 -11.37
N HIS B 41 10.94 10.37 -10.15
CA HIS B 41 11.28 11.76 -9.78
C HIS B 41 10.22 12.77 -10.19
N ILE B 42 8.95 12.48 -9.86
CA ILE B 42 7.86 13.34 -10.29
C ILE B 42 8.05 14.76 -9.77
N SER B 43 8.31 14.91 -8.46
CA SER B 43 8.47 16.23 -7.87
CA SER B 43 8.47 16.24 -7.88
C SER B 43 9.62 17.00 -8.52
N ASP B 44 10.74 16.32 -8.79
CA ASP B 44 11.83 17.03 -9.50
C ASP B 44 11.37 17.58 -10.83
N ASN B 45 10.62 16.78 -11.59
CA ASN B 45 10.26 17.18 -12.94
C ASN B 45 9.19 18.24 -12.92
N VAL B 46 8.25 18.12 -11.98
CA VAL B 46 7.28 19.20 -11.75
C VAL B 46 8.01 20.50 -11.42
N LYS B 47 8.95 20.47 -10.44
CA LYS B 47 9.71 21.66 -10.08
C LYS B 47 10.40 22.33 -11.27
N LYS B 48 11.11 21.53 -12.08
CA LYS B 48 11.85 22.04 -13.26
C LYS B 48 10.96 22.88 -14.15
N LYS B 49 9.65 22.64 -14.11
CA LYS B 49 8.74 23.27 -15.02
C LYS B 49 7.81 24.30 -14.41
N LEU B 50 7.87 24.53 -13.09
CA LEU B 50 6.86 25.43 -12.51
C LEU B 50 7.14 26.90 -12.85
N PRO B 51 6.08 27.67 -13.13
CA PRO B 51 6.30 29.05 -13.53
C PRO B 51 6.98 29.80 -12.41
N GLU B 52 7.49 30.97 -12.76
CA GLU B 52 8.24 31.82 -11.85
C GLU B 52 7.39 32.22 -10.64
N GLY B 53 7.91 31.91 -9.46
CA GLY B 53 7.24 32.33 -8.23
C GLY B 53 6.27 31.33 -7.68
N VAL B 54 6.42 30.04 -8.01
CA VAL B 54 5.53 29.00 -7.52
C VAL B 54 6.37 28.01 -6.73
N LYS B 55 6.01 27.85 -5.45
CA LYS B 55 6.66 26.94 -4.51
C LYS B 55 5.86 25.64 -4.43
N MET B 56 6.55 24.53 -4.22
CA MET B 56 5.88 23.26 -3.98
C MET B 56 5.80 22.98 -2.49
N THR B 57 4.69 22.41 -2.09
CA THR B 57 4.48 22.03 -0.72
C THR B 57 4.19 20.56 -0.73
N LYS B 58 4.79 19.83 0.20
CA LYS B 58 4.54 18.39 0.27
C LYS B 58 4.23 18.05 1.72
N TYR B 59 3.11 17.33 1.94
CA TYR B 59 2.67 16.95 3.29
C TYR B 59 2.51 15.43 3.34
N HIS B 60 2.71 14.89 4.53
CA HIS B 60 2.51 13.48 4.84
C HIS B 60 1.08 13.23 5.36
N VAL B 61 0.60 11.99 5.25
CA VAL B 61 -0.77 11.71 5.65
C VAL B 61 -0.75 10.62 6.70
N ASN B 62 -1.80 10.60 7.53
CA ASN B 62 -1.93 9.72 8.69
C ASN B 62 -2.46 8.33 8.34
N PHE B 63 -3.12 8.17 7.18
CA PHE B 63 -4.09 7.08 7.03
C PHE B 63 -3.46 5.82 6.41
N MET B 64 -2.14 5.77 6.27
CA MET B 64 -1.49 4.49 6.02
C MET B 64 -0.56 4.15 7.17
N GLY B 65 -0.42 2.85 7.43
CA GLY B 65 0.53 2.39 8.42
C GLY B 65 0.07 2.41 9.85
N GLY B 66 -1.24 2.30 10.11
CA GLY B 66 -1.72 2.23 11.49
C GLY B 66 -1.25 3.43 12.29
N ASP B 67 -0.92 3.23 13.57
CA ASP B 67 -0.45 4.32 14.43
C ASP B 67 0.94 4.83 14.05
N LEU B 68 1.78 4.00 13.46
CA LEU B 68 3.06 4.51 13.04
C LEU B 68 2.90 5.60 11.98
N GLY B 69 1.82 5.57 11.20
CA GLY B 69 1.63 6.61 10.21
C GLY B 69 1.52 7.98 10.82
N LYS B 70 0.82 8.09 11.96
CA LYS B 70 0.73 9.36 12.65
C LYS B 70 2.11 9.84 13.09
N ASP B 71 2.95 8.94 13.60
CA ASP B 71 4.30 9.31 13.98
C ASP B 71 5.12 9.81 12.77
N LEU B 72 4.96 9.18 11.61
CA LEU B 72 5.68 9.64 10.44
C LEU B 72 5.21 11.04 10.00
N THR B 73 3.92 11.33 10.12
CA THR B 73 3.46 12.70 9.80
C THR B 73 4.13 13.72 10.73
N GLN B 74 4.24 13.38 12.02
CA GLN B 74 4.93 14.28 12.95
C GLN B 74 6.41 14.37 12.59
N ALA B 75 7.02 13.24 12.21
CA ALA B 75 8.43 13.27 11.82
C ALA B 75 8.63 14.11 10.58
N TRP B 76 7.69 14.00 9.62
CA TRP B 76 7.78 14.86 8.43
C TRP B 76 7.63 16.33 8.80
N ALA B 77 6.74 16.65 9.77
CA ALA B 77 6.74 18.03 10.29
C ALA B 77 8.11 18.42 10.88
N VAL B 78 8.75 17.52 11.62
CA VAL B 78 10.11 17.79 12.10
C VAL B 78 11.05 18.03 10.92
N ALA B 79 10.98 17.17 9.89
CA ALA B 79 11.84 17.35 8.71
C ALA B 79 11.65 18.74 8.08
N MET B 80 10.40 19.18 7.96
CA MET B 80 10.17 20.53 7.41
C MET B 80 10.74 21.60 8.32
N ALA B 81 10.54 21.43 9.63
CA ALA B 81 10.92 22.50 10.55
C ALA B 81 12.43 22.64 10.63
N LEU B 82 13.16 21.53 10.49
CA LEU B 82 14.63 21.57 10.51
C LEU B 82 15.21 21.80 9.11
N GLY B 83 14.40 21.66 8.07
CA GLY B 83 14.87 21.82 6.70
C GLY B 83 15.79 20.69 6.28
N VAL B 84 15.46 19.46 6.66
CA VAL B 84 16.25 18.27 6.34
C VAL B 84 15.46 17.27 5.49
N GLU B 85 14.46 17.75 4.74
CA GLU B 85 13.73 16.87 3.82
C GLU B 85 14.66 16.15 2.87
N ASP B 86 15.70 16.84 2.37
CA ASP B 86 16.56 16.22 1.38
C ASP B 86 17.66 15.36 2.00
N LYS B 87 17.63 15.17 3.30
CA LYS B 87 18.53 14.21 3.91
C LYS B 87 17.81 13.03 4.51
N VAL B 88 16.54 13.16 4.84
CA VAL B 88 15.85 12.03 5.51
C VAL B 88 14.84 11.32 4.65
N THR B 89 14.47 11.86 3.48
CA THR B 89 13.40 11.22 2.69
C THR B 89 13.80 9.81 2.28
N VAL B 90 15.05 9.63 1.81
CA VAL B 90 15.52 8.30 1.38
C VAL B 90 15.62 7.33 2.54
N PRO B 91 16.32 7.65 3.65
CA PRO B 91 16.32 6.68 4.75
C PRO B 91 14.91 6.35 5.26
N LEU B 92 13.97 7.31 5.23
CA LEU B 92 12.64 7.03 5.76
C LEU B 92 11.90 6.09 4.81
N PHE B 93 11.93 6.36 3.49
CA PHE B 93 11.29 5.41 2.56
C PHE B 93 11.95 4.05 2.64
N GLU B 94 13.29 4.02 2.64
CA GLU B 94 13.98 2.73 2.66
C GLU B 94 13.74 2.01 4.00
N GLY B 95 13.75 2.74 5.10
CA GLY B 95 13.59 2.10 6.39
C GLY B 95 12.20 1.51 6.57
N VAL B 96 11.18 2.19 6.06
CA VAL B 96 9.82 1.64 6.15
C VAL B 96 9.61 0.51 5.14
N GLN B 97 9.97 0.70 3.85
CA GLN B 97 9.57 -0.25 2.82
C GLN B 97 10.64 -1.20 2.31
N LYS B 98 11.92 -0.86 2.43
CA LYS B 98 12.97 -1.65 1.80
C LYS B 98 13.68 -2.52 2.83
N THR B 99 14.43 -1.88 3.73
CA THR B 99 15.12 -2.62 4.81
C THR B 99 14.21 -2.96 5.99
N GLN B 100 13.03 -2.35 6.07
CA GLN B 100 12.07 -2.59 7.15
C GLN B 100 12.73 -2.53 8.53
N THR B 101 13.53 -1.48 8.74
CA THR B 101 14.14 -1.20 10.04
C THR B 101 13.42 -0.09 10.77
N ILE B 102 12.40 0.49 10.15
CA ILE B 102 11.57 1.45 10.84
C ILE B 102 10.27 0.74 11.26
N ARG B 103 10.15 0.48 12.56
CA ARG B 103 9.06 -0.30 13.07
C ARG B 103 8.33 0.43 14.19
N SER B 104 8.83 1.57 14.63
CA SER B 104 8.32 2.31 15.78
C SER B 104 8.88 3.72 15.73
N ALA B 105 8.35 4.58 16.62
CA ALA B 105 8.79 5.99 16.61
C ALA B 105 10.27 6.13 16.92
N SER B 106 10.79 5.31 17.86
CA SER B 106 12.23 5.34 18.14
C SER B 106 13.09 5.13 16.89
N ASP B 107 12.72 4.15 16.05
CA ASP B 107 13.47 3.94 14.82
C ASP B 107 13.46 5.16 13.91
N ILE B 108 12.36 5.93 13.91
CA ILE B 108 12.32 7.14 13.11
C ILE B 108 13.35 8.15 13.61
N ARG B 109 13.43 8.33 14.93
CA ARG B 109 14.42 9.23 15.53
C ARG B 109 15.83 8.83 15.11
N ASP B 110 16.12 7.54 15.13
CA ASP B 110 17.46 7.06 14.76
C ASP B 110 17.86 7.51 13.36
N VAL B 111 16.90 7.58 12.45
CA VAL B 111 17.20 8.02 11.10
C VAL B 111 17.70 9.47 11.09
N PHE B 112 17.06 10.35 11.85
CA PHE B 112 17.52 11.74 11.94
C PHE B 112 18.88 11.84 12.62
N ILE B 113 19.08 11.09 13.72
CA ILE B 113 20.39 11.07 14.39
C ILE B 113 21.46 10.59 13.44
N ASN B 114 21.15 9.51 12.70
CA ASN B 114 22.12 9.01 11.74
C ASN B 114 22.45 10.02 10.64
N ALA B 115 21.49 10.86 10.29
CA ALA B 115 21.69 11.92 9.31
C ALA B 115 22.46 13.12 9.89
N GLY B 116 22.78 13.13 11.20
CA GLY B 116 23.59 14.22 11.77
C GLY B 116 22.81 15.19 12.65
N ILE B 117 21.50 15.00 12.81
CA ILE B 117 20.70 15.85 13.70
C ILE B 117 21.01 15.38 15.11
N LYS B 118 21.32 16.31 16.01
CA LYS B 118 21.52 15.92 17.38
C LYS B 118 20.22 15.40 17.97
N GLY B 119 20.33 14.36 18.79
CA GLY B 119 19.15 13.78 19.43
C GLY B 119 18.33 14.79 20.20
N GLU B 120 19.00 15.64 20.99
CA GLU B 120 18.33 16.67 21.78
C GLU B 120 17.60 17.70 20.91
N GLU B 121 18.15 18.00 19.73
CA GLU B 121 17.47 18.91 18.80
C GLU B 121 16.29 18.24 18.12
N TYR B 122 16.45 16.98 17.72
CA TYR B 122 15.30 16.26 17.20
C TYR B 122 14.17 16.28 18.21
N ASP B 123 14.50 15.98 19.48
CA ASP B 123 13.47 15.91 20.53
C ASP B 123 12.86 17.28 20.75
N ALA B 124 13.69 18.32 20.79
CA ALA B 124 13.14 19.66 20.97
C ALA B 124 12.17 19.99 19.84
N ALA B 125 12.58 19.70 18.61
CA ALA B 125 11.72 19.98 17.49
C ALA B 125 10.46 19.14 17.57
N TRP B 126 10.61 17.84 17.87
CA TRP B 126 9.47 16.95 17.97
C TRP B 126 8.38 17.52 18.86
N ASN B 127 8.78 18.12 19.99
CA ASN B 127 7.86 18.67 20.99
C ASN B 127 7.62 20.16 20.86
N SER B 128 7.96 20.74 19.74
CA SER B 128 7.91 22.18 19.62
C SER B 128 6.52 22.66 19.21
N PHE B 129 6.25 23.93 19.47
CA PHE B 129 5.02 24.55 19.01
C PHE B 129 4.94 24.53 17.49
N VAL B 130 6.06 24.87 16.82
CA VAL B 130 6.08 24.86 15.37
C VAL B 130 5.61 23.51 14.82
N VAL B 131 6.14 22.41 15.38
CA VAL B 131 5.83 21.10 14.80
C VAL B 131 4.36 20.71 15.08
N LYS B 132 3.86 21.04 16.26
CA LYS B 132 2.44 20.83 16.56
C LYS B 132 1.56 21.58 15.57
N SER B 133 1.95 22.80 15.20
CA SER B 133 1.17 23.54 14.21
C SER B 133 1.30 22.92 12.81
N LEU B 134 2.51 22.45 12.44
CA LEU B 134 2.66 21.85 11.12
C LEU B 134 1.89 20.53 11.01
N VAL B 135 1.82 19.74 12.09
CA VAL B 135 0.99 18.53 12.05
C VAL B 135 -0.49 18.92 11.84
N ALA B 136 -0.94 19.96 12.51
CA ALA B 136 -2.33 20.38 12.32
C ALA B 136 -2.56 20.86 10.89
N GLN B 137 -1.60 21.61 10.33
CA GLN B 137 -1.71 22.10 8.96
C GLN B 137 -1.83 20.93 7.99
N GLN B 138 -1.03 19.89 8.20
CA GLN B 138 -1.04 18.77 7.26
C GLN B 138 -2.37 18.04 7.32
N GLU B 139 -2.89 17.83 8.54
CA GLU B 139 -4.16 17.13 8.66
C GLU B 139 -5.30 18.00 8.12
N LYS B 140 -5.22 19.31 8.32
CA LYS B 140 -6.28 20.19 7.84
C LYS B 140 -6.31 20.22 6.32
N ALA B 141 -5.13 20.28 5.69
CA ALA B 141 -5.04 20.36 4.23
C ALA B 141 -5.61 19.10 3.59
N ALA B 142 -5.38 17.93 4.21
CA ALA B 142 -5.95 16.67 3.73
C ALA B 142 -7.47 16.60 3.96
N ALA B 143 -7.94 17.14 5.08
CA ALA B 143 -9.37 17.15 5.30
C ALA B 143 -10.06 18.06 4.30
N ASP B 144 -9.37 19.13 3.89
CA ASP B 144 -9.95 20.13 3.01
C ASP B 144 -10.24 19.57 1.63
N VAL B 145 -9.44 18.62 1.15
CA VAL B 145 -9.66 18.02 -0.16
C VAL B 145 -10.31 16.65 -0.04
N GLN B 146 -10.86 16.33 1.12
N GLN B 146 -10.82 16.31 1.13
CA GLN B 146 -11.37 14.99 1.47
CA GLN B 146 -11.40 14.98 1.40
C GLN B 146 -10.50 13.89 0.87
C GLN B 146 -10.50 13.86 0.90
N LEU B 147 -9.21 13.97 1.22
CA LEU B 147 -8.22 13.07 0.68
C LEU B 147 -8.46 11.64 1.06
N ARG B 148 -8.51 10.77 0.04
CA ARG B 148 -8.81 9.37 0.25
C ARG B 148 -7.63 8.46 -0.07
N GLY B 149 -6.58 8.97 -0.69
CA GLY B 149 -5.50 8.13 -1.15
C GLY B 149 -4.31 8.96 -1.60
N VAL B 150 -3.15 8.30 -1.61
CA VAL B 150 -1.90 8.93 -2.05
C VAL B 150 -1.23 7.98 -3.04
N PRO B 151 -0.34 8.51 -3.89
CA PRO B 151 0.05 9.89 -4.07
C PRO B 151 -1.10 10.73 -4.59
N ALA B 152 -1.03 12.04 -4.40
CA ALA B 152 -2.05 12.96 -4.91
C ALA B 152 -1.38 14.33 -5.06
N MET B 153 -1.81 15.09 -6.05
CA MET B 153 -1.28 16.43 -6.17
C MET B 153 -2.41 17.37 -6.54
N PHE B 154 -2.37 18.58 -5.98
CA PHE B 154 -3.45 19.54 -6.16
C PHE B 154 -2.85 20.89 -6.53
N VAL B 155 -3.51 21.61 -7.43
CA VAL B 155 -3.06 22.91 -7.90
C VAL B 155 -4.11 23.93 -7.48
N ASN B 156 -3.69 24.87 -6.64
CA ASN B 156 -4.51 26.04 -6.27
C ASN B 156 -5.85 25.62 -5.67
N GLY B 157 -5.85 24.52 -4.93
CA GLY B 157 -7.07 24.02 -4.32
C GLY B 157 -8.22 23.72 -5.26
N LYS B 158 -7.98 23.74 -6.57
CA LYS B 158 -9.05 23.62 -7.54
C LYS B 158 -8.95 22.40 -8.45
N TYR B 159 -7.73 21.92 -8.74
CA TYR B 159 -7.59 20.82 -9.68
C TYR B 159 -6.80 19.69 -9.03
N GLN B 160 -7.13 18.45 -9.38
CA GLN B 160 -6.41 17.28 -8.89
C GLN B 160 -5.76 16.55 -10.07
N LEU B 161 -4.46 16.25 -9.95
CA LEU B 161 -3.78 15.54 -11.03
C LEU B 161 -4.41 14.16 -11.23
N ASN B 162 -4.50 13.69 -12.49
CA ASN B 162 -5.13 12.40 -12.80
C ASN B 162 -4.19 11.49 -13.58
N PRO B 163 -3.16 10.92 -12.93
CA PRO B 163 -2.17 10.16 -13.70
C PRO B 163 -2.78 8.94 -14.38
N GLN B 164 -3.88 8.44 -13.87
CA GLN B 164 -4.47 7.26 -14.47
C GLN B 164 -5.03 7.56 -15.85
N GLY B 165 -5.29 8.84 -16.17
CA GLY B 165 -5.78 9.20 -17.48
C GLY B 165 -4.68 9.64 -18.44
N MET B 166 -3.40 9.53 -18.06
CA MET B 166 -2.27 9.97 -18.87
C MET B 166 -1.73 8.76 -19.62
N ASP B 167 -0.70 8.97 -20.42
CA ASP B 167 -0.05 7.89 -21.16
C ASP B 167 0.81 7.14 -20.17
N THR B 168 0.32 6.01 -19.71
CA THR B 168 0.91 5.20 -18.66
C THR B 168 1.96 4.23 -19.19
N SER B 169 2.20 4.22 -20.50
CA SER B 169 3.10 3.23 -21.10
C SER B 169 4.53 3.74 -21.11
N ASN B 170 4.75 4.84 -21.82
CA ASN B 170 6.06 5.49 -21.87
C ASN B 170 6.25 6.34 -20.60
N MET B 171 7.21 5.95 -19.76
CA MET B 171 7.35 6.67 -18.50
C MET B 171 7.94 8.05 -18.71
N ASP B 172 8.89 8.18 -19.62
CA ASP B 172 9.47 9.51 -19.83
C ASP B 172 8.39 10.49 -20.29
N VAL B 173 7.58 10.09 -21.25
CA VAL B 173 6.47 10.94 -21.70
C VAL B 173 5.48 11.18 -20.56
N PHE B 174 5.17 10.12 -19.79
CA PHE B 174 4.24 10.25 -18.67
C PHE B 174 4.74 11.28 -17.65
N VAL B 175 6.02 11.23 -17.30
CA VAL B 175 6.58 12.14 -16.31
C VAL B 175 6.48 13.57 -16.82
N GLN B 176 6.86 13.80 -18.08
CA GLN B 176 6.71 15.17 -18.61
C GLN B 176 5.23 15.55 -18.77
N GLN B 177 4.36 14.58 -19.05
CA GLN B 177 2.95 14.91 -19.15
C GLN B 177 2.40 15.37 -17.80
N TYR B 178 2.80 14.66 -16.75
CA TYR B 178 2.42 15.07 -15.39
C TYR B 178 2.96 16.46 -15.08
N ALA B 179 4.24 16.67 -15.33
CA ALA B 179 4.83 17.99 -15.08
C ALA B 179 4.18 19.10 -15.92
N ASP B 180 3.96 18.86 -17.23
CA ASP B 180 3.28 19.81 -18.10
C ASP B 180 1.85 20.08 -17.67
N THR B 181 1.15 19.05 -17.19
CA THR B 181 -0.20 19.27 -16.68
C THR B 181 -0.13 20.21 -15.48
N VAL B 182 0.82 19.98 -14.55
CA VAL B 182 0.93 20.86 -13.38
C VAL B 182 1.17 22.28 -13.85
N LYS B 183 2.14 22.45 -14.75
CA LYS B 183 2.42 23.79 -15.30
C LYS B 183 1.17 24.40 -15.98
N TYR B 184 0.49 23.62 -16.83
N TYR B 184 0.48 23.63 -16.83
CA TYR B 184 -0.72 24.13 -17.51
CA TYR B 184 -0.69 24.19 -17.52
C TYR B 184 -1.76 24.58 -16.49
C TYR B 184 -1.78 24.56 -16.52
N LEU B 185 -2.00 23.73 -15.49
CA LEU B 185 -3.03 24.01 -14.50
C LEU B 185 -2.67 25.21 -13.66
N SER B 186 -1.40 25.40 -13.37
CA SER B 186 -1.02 26.53 -12.51
C SER B 186 -1.14 27.88 -13.23
N GLU B 187 -1.06 27.88 -14.56
CA GLU B 187 -1.28 29.06 -15.40
C GLU B 187 -2.74 29.31 -15.70
N LYS B 188 -3.62 28.38 -15.39
CA LYS B 188 -5.03 28.64 -15.54
C LYS B 188 -5.59 29.02 -14.17
O XPV C . -9.16 -4.04 8.14
C10 XPV C . 1.82 -1.00 9.03
C11 XPV C . 1.16 -1.44 7.90
C12 XPV C . -0.13 -1.92 8.01
O2 XPV C . -4.58 -4.88 7.97
C13 XPV C . -3.11 -1.77 10.17
C14 XPV C . -4.44 -2.13 10.21
O1 XPV C . -8.45 -1.90 8.19
C2 XPV C . -6.15 -3.83 9.20
C1 XPV C . -7.48 -3.37 9.73
C XPV C . -8.46 -3.13 8.62
C3 XPV C . -5.90 -4.82 8.33
C4 XPV C . -3.96 -3.87 8.66
C5 XPV C . -2.63 -3.51 8.57
C6 XPV C . -2.19 -2.42 9.34
C7 XPV C . -0.79 -1.95 9.24
C8 XPV C . -0.11 -1.49 10.37
C9 XPV C . 1.18 -1.02 10.27
C15 XPV C . -4.89 -3.20 9.44
CU CU D . -9.31 17.68 -26.99
#